data_4IIW
#
_entry.id   4IIW
#
_cell.length_a   126.899
_cell.length_b   126.899
_cell.length_c   115.584
_cell.angle_alpha   90.00
_cell.angle_beta   90.00
_cell.angle_gamma   90.00
#
_symmetry.space_group_name_H-M   'I 4'
#
loop_
_entity.id
_entity.type
_entity.pdbx_description
1 polymer 'Lmo1499 protein'
2 non-polymer 'CHLORIDE ION'
3 non-polymer 'SULFATE ION'
4 non-polymer 'TRIETHYLENE GLYCOL'
5 water water
#
_entity_poly.entity_id   1
_entity_poly.type   'polypeptide(L)'
_entity_poly.pdbx_seq_one_letter_code
;(MSE)HHHHHHSSGVDLGTENLYFQSNAKSQLEPKDEASKEKITVEIPAGSSISDISTILEDKKVINNASIFSFYVKYNN
DTNLKAGNYELSPA(MSE)NTDQIVKK(MSE)QEGKTVAPAKLVIPEGYTLDQIADRIVAYQPKLKKADVLKT(MSE)DD
PEFVAS(MSE)IKAYPETVTNDVLNKSIKHPLEGYLYPATYTFKGTDVSAEQIITE(MSE)VKATDVNIAKYRDELTKQK
(MSE)SVHKFLT(MSE)SSIIEKEATENVDRK(MSE)IASVFYNRLAKD(MSE)RLQTDPTVLYALGEHKSKTTYKDLEV
DSPYNTYKNNGLPPGPISNSGDSS(MSE)EAALYPEKSDYLYFLANTKTGKVYFSKTLEEHNKLKEEHITKNN
;
_entity_poly.pdbx_strand_id   A,B
#
# COMPACT_ATOMS: atom_id res chain seq x y z
N SER A 35 -18.41 12.77 -29.82
CA SER A 35 -18.58 13.88 -28.81
C SER A 35 -19.71 13.52 -27.81
N LYS A 36 -20.96 13.75 -28.23
CA LYS A 36 -22.16 13.40 -27.46
C LYS A 36 -22.72 12.07 -28.03
N GLU A 37 -21.96 11.47 -28.94
CA GLU A 37 -22.29 10.20 -29.61
C GLU A 37 -21.62 9.03 -28.93
N LYS A 38 -20.97 9.31 -27.79
CA LYS A 38 -20.28 8.28 -27.00
C LYS A 38 -21.22 7.24 -26.37
N ILE A 39 -20.72 6.02 -26.30
CA ILE A 39 -21.41 4.91 -25.69
C ILE A 39 -20.42 4.30 -24.72
N THR A 40 -20.84 4.13 -23.47
CA THR A 40 -19.99 3.54 -22.46
C THR A 40 -20.23 2.03 -22.36
N VAL A 41 -19.19 1.23 -22.62
CA VAL A 41 -19.32 -0.21 -22.50
C VAL A 41 -18.54 -0.70 -21.29
N GLU A 42 -19.01 -1.79 -20.71
CA GLU A 42 -18.38 -2.39 -19.54
C GLU A 42 -17.90 -3.80 -19.84
N ILE A 43 -16.60 -4.05 -19.71
CA ILE A 43 -16.05 -5.35 -19.95
C ILE A 43 -15.61 -5.97 -18.62
N PRO A 44 -16.34 -6.98 -18.13
CA PRO A 44 -15.89 -7.57 -16.87
C PRO A 44 -14.61 -8.34 -17.02
N ALA A 45 -13.85 -8.43 -15.95
CA ALA A 45 -12.64 -9.20 -15.90
C ALA A 45 -12.97 -10.63 -16.32
N GLY A 46 -12.05 -11.32 -16.99
CA GLY A 46 -12.27 -12.73 -17.41
C GLY A 46 -13.20 -12.92 -18.62
N SER A 47 -13.56 -11.84 -19.29
CA SER A 47 -14.44 -11.93 -20.44
C SER A 47 -13.75 -12.61 -21.63
N SER A 48 -14.44 -13.57 -22.23
CA SER A 48 -13.93 -14.25 -23.44
C SER A 48 -14.11 -13.30 -24.63
N ILE A 49 -13.57 -13.68 -25.77
CA ILE A 49 -13.70 -12.87 -26.98
C ILE A 49 -15.18 -12.81 -27.38
N SER A 50 -15.89 -13.93 -27.31
CA SER A 50 -17.31 -13.86 -27.61
C SER A 50 -18.01 -12.88 -26.67
N ASP A 51 -17.73 -12.96 -25.37
CA ASP A 51 -18.35 -12.02 -24.40
C ASP A 51 -18.16 -10.57 -24.82
N ILE A 52 -16.92 -10.20 -25.11
CA ILE A 52 -16.61 -8.83 -25.51
C ILE A 52 -17.39 -8.44 -26.77
N SER A 53 -17.32 -9.30 -27.77
CA SER A 53 -18.01 -9.09 -29.04
C SER A 53 -19.50 -8.85 -28.85
N THR A 54 -20.10 -9.62 -27.97
CA THR A 54 -21.52 -9.55 -27.73
C THR A 54 -21.93 -8.31 -26.96
N ILE A 55 -21.07 -7.83 -26.06
CA ILE A 55 -21.34 -6.61 -25.33
C ILE A 55 -21.30 -5.46 -26.34
N LEU A 56 -20.30 -5.50 -27.23
CA LEU A 56 -20.19 -4.47 -28.25
C LEU A 56 -21.43 -4.42 -29.14
N GLU A 57 -22.02 -5.57 -29.49
CA GLU A 57 -23.23 -5.61 -30.34
C GLU A 57 -24.47 -5.16 -29.55
N ASP A 58 -24.59 -5.65 -28.31
CA ASP A 58 -25.69 -5.28 -27.42
C ASP A 58 -25.76 -3.77 -27.29
N LYS A 59 -24.60 -3.13 -27.14
CA LYS A 59 -24.53 -1.69 -26.96
C LYS A 59 -24.53 -0.86 -28.25
N LYS A 60 -24.62 -1.52 -29.41
CA LYS A 60 -24.73 -0.85 -30.71
C LYS A 60 -23.44 -0.17 -31.18
N VAL A 61 -22.29 -0.56 -30.64
CA VAL A 61 -21.01 -0.03 -31.09
C VAL A 61 -20.65 -0.69 -32.42
N ILE A 62 -20.95 -1.97 -32.53
CA ILE A 62 -20.74 -2.71 -33.77
C ILE A 62 -22.05 -3.36 -34.15
N ASN A 63 -22.10 -3.86 -35.39
CA ASN A 63 -23.29 -4.46 -35.97
C ASN A 63 -23.43 -5.97 -35.72
N ASN A 64 -22.30 -6.69 -35.75
CA ASN A 64 -22.32 -8.15 -35.67
C ASN A 64 -21.21 -8.75 -34.81
N ALA A 65 -21.59 -9.40 -33.72
CA ALA A 65 -20.62 -10.00 -32.83
C ALA A 65 -19.70 -11.02 -33.50
N SER A 66 -20.22 -11.90 -34.35
CA SER A 66 -19.39 -12.94 -34.97
C SER A 66 -18.25 -12.38 -35.73
N ILE A 67 -18.54 -11.31 -36.46
CA ILE A 67 -17.58 -10.72 -37.35
C ILE A 67 -16.50 -10.02 -36.57
N PHE A 68 -16.84 -9.41 -35.45
CA PHE A 68 -15.83 -8.80 -34.60
C PHE A 68 -14.95 -9.90 -34.03
N SER A 69 -15.55 -11.00 -33.59
CA SER A 69 -14.78 -12.15 -33.12
C SER A 69 -13.83 -12.59 -34.20
N PHE A 70 -14.31 -12.63 -35.43
CA PHE A 70 -13.43 -13.04 -36.51
C PHE A 70 -12.22 -12.08 -36.67
N TYR A 71 -12.49 -10.78 -36.61
CA TYR A 71 -11.42 -9.79 -36.75
C TYR A 71 -10.32 -10.00 -35.72
N VAL A 72 -10.75 -10.18 -34.48
CA VAL A 72 -9.84 -10.34 -33.35
C VAL A 72 -8.92 -11.54 -33.51
N LYS A 73 -9.51 -12.68 -33.78
CA LYS A 73 -8.75 -13.90 -33.96
C LYS A 73 -7.90 -13.89 -35.23
N TYR A 74 -8.37 -13.22 -36.29
CA TYR A 74 -7.63 -13.16 -37.56
C TYR A 74 -6.34 -12.34 -37.41
N ASN A 75 -6.42 -11.26 -36.65
CA ASN A 75 -5.26 -10.37 -36.43
C ASN A 75 -4.44 -10.79 -35.22
N ASN A 76 -5.00 -11.73 -34.45
CA ASN A 76 -4.43 -12.27 -33.21
C ASN A 76 -4.31 -11.17 -32.16
N ASP A 77 -5.35 -10.35 -32.06
CA ASP A 77 -5.38 -9.25 -31.10
C ASP A 77 -6.18 -9.74 -29.92
N THR A 78 -5.71 -10.77 -29.25
CA THR A 78 -6.50 -11.37 -28.17
C THR A 78 -6.23 -10.77 -26.79
N ASN A 79 -5.22 -9.94 -26.68
CA ASN A 79 -4.86 -9.30 -25.42
C ASN A 79 -5.68 -8.04 -25.16
N LEU A 80 -6.99 -8.22 -25.06
CA LEU A 80 -7.90 -7.11 -24.80
C LEU A 80 -8.02 -6.93 -23.27
N LYS A 81 -7.92 -5.69 -22.79
CA LYS A 81 -8.00 -5.42 -21.35
C LYS A 81 -9.45 -5.17 -20.91
N ALA A 82 -9.84 -5.71 -19.77
CA ALA A 82 -11.17 -5.48 -19.23
C ALA A 82 -11.21 -4.05 -18.73
N GLY A 83 -12.40 -3.59 -18.33
CA GLY A 83 -12.59 -2.24 -17.84
C GLY A 83 -13.78 -1.62 -18.52
N ASN A 84 -13.92 -0.31 -18.39
CA ASN A 84 -15.00 0.41 -19.05
C ASN A 84 -14.39 1.32 -20.08
N TYR A 85 -14.99 1.35 -21.27
CA TYR A 85 -14.48 2.16 -22.39
C TYR A 85 -15.54 3.11 -22.92
N GLU A 86 -15.09 4.25 -23.43
CA GLU A 86 -15.99 5.19 -24.12
C GLU A 86 -15.75 4.95 -25.61
N LEU A 87 -16.76 4.41 -26.29
CA LEU A 87 -16.65 4.09 -27.71
C LEU A 87 -17.79 4.74 -28.45
N SER A 88 -17.72 4.77 -29.78
CA SER A 88 -18.81 5.33 -30.58
C SER A 88 -19.14 4.41 -31.75
N PRO A 89 -20.37 4.53 -32.30
CA PRO A 89 -20.70 3.66 -33.43
C PRO A 89 -19.89 4.05 -34.65
N ALA A 90 -19.69 3.10 -35.54
CA ALA A 90 -18.90 3.35 -36.74
C ALA A 90 -17.43 3.77 -36.42
N ASN A 92 -13.95 2.67 -36.34
CA ASN A 92 -13.27 1.62 -37.06
C ASN A 92 -12.89 0.44 -36.15
N THR A 93 -13.04 -0.79 -36.63
CA THR A 93 -12.75 -1.96 -35.80
C THR A 93 -11.34 -1.92 -35.23
N ASP A 94 -10.35 -1.56 -36.03
CA ASP A 94 -9.01 -1.53 -35.48
C ASP A 94 -8.82 -0.46 -34.39
N GLN A 95 -9.48 0.68 -34.52
CA GLN A 95 -9.38 1.71 -33.47
C GLN A 95 -9.99 1.18 -32.18
N ILE A 96 -11.05 0.38 -32.29
CA ILE A 96 -11.69 -0.19 -31.11
C ILE A 96 -10.76 -1.18 -30.41
N VAL A 97 -10.24 -2.12 -31.20
CA VAL A 97 -9.35 -3.17 -30.71
C VAL A 97 -8.09 -2.58 -30.12
N LYS A 98 -7.59 -1.53 -30.73
CA LYS A 98 -6.36 -0.91 -30.30
C LYS A 98 -6.53 -0.17 -28.98
N LYS A 99 -7.73 0.38 -28.80
CA LYS A 99 -8.07 1.08 -27.60
C LYS A 99 -8.20 0.04 -26.50
N GLN A 101 -6.60 -2.93 -26.48
CA GLN A 101 -5.27 -3.54 -26.25
C GLN A 101 -4.38 -2.64 -25.40
N GLU A 102 -4.54 -1.34 -25.54
CA GLU A 102 -3.78 -0.38 -24.76
C GLU A 102 -4.42 -0.09 -23.40
N GLY A 103 -5.63 -0.63 -23.18
CA GLY A 103 -6.36 -0.43 -21.96
C GLY A 103 -6.70 1.01 -21.67
N LYS A 104 -7.05 1.79 -22.69
N LYS A 104 -7.11 1.74 -22.73
CA LYS A 104 -7.38 3.20 -22.46
CA LYS A 104 -7.55 3.14 -22.63
C LYS A 104 -8.86 3.33 -22.03
C LYS A 104 -8.96 3.21 -22.06
N THR A 105 -9.08 3.01 -20.75
CA THR A 105 -10.37 2.95 -20.13
C THR A 105 -10.76 4.23 -19.40
N VAL A 106 -12.06 4.37 -19.13
CA VAL A 106 -12.55 5.49 -18.28
C VAL A 106 -12.75 5.02 -16.82
N ALA A 107 -12.77 3.70 -16.60
CA ALA A 107 -12.84 3.08 -15.27
C ALA A 107 -12.09 1.75 -15.40
N PRO A 108 -11.26 1.41 -14.42
CA PRO A 108 -10.42 0.20 -14.52
C PRO A 108 -11.17 -1.12 -14.37
N ALA A 109 -10.49 -2.22 -14.71
CA ALA A 109 -11.03 -3.57 -14.59
C ALA A 109 -11.28 -3.90 -13.12
N LYS A 110 -12.36 -4.62 -12.87
CA LYS A 110 -12.79 -4.98 -11.52
C LYS A 110 -12.52 -6.40 -11.14
N LEU A 111 -11.73 -6.60 -10.08
CA LEU A 111 -11.45 -7.93 -9.54
C LEU A 111 -12.48 -8.13 -8.44
N VAL A 112 -13.51 -8.93 -8.70
CA VAL A 112 -14.56 -9.16 -7.72
C VAL A 112 -14.30 -10.43 -6.97
N ILE A 113 -14.16 -10.34 -5.65
CA ILE A 113 -14.00 -11.52 -4.83
C ILE A 113 -15.26 -11.70 -3.98
N PRO A 114 -16.03 -12.75 -4.27
CA PRO A 114 -17.24 -12.97 -3.48
C PRO A 114 -17.01 -13.52 -2.06
N GLU A 115 -18.05 -13.49 -1.24
CA GLU A 115 -17.96 -14.03 0.11
C GLU A 115 -18.10 -15.56 0.03
N GLY A 116 -17.56 -16.27 1.02
CA GLY A 116 -17.62 -17.74 1.03
C GLY A 116 -16.59 -18.42 0.13
N TYR A 117 -15.62 -17.65 -0.34
CA TYR A 117 -14.54 -18.15 -1.20
C TYR A 117 -13.26 -18.68 -0.47
N THR A 118 -12.70 -19.76 -0.99
CA THR A 118 -11.45 -20.31 -0.47
C THR A 118 -10.31 -19.62 -1.22
N LEU A 119 -9.09 -19.69 -0.70
CA LEU A 119 -7.93 -19.08 -1.39
C LEU A 119 -7.83 -19.62 -2.84
N ASP A 120 -8.07 -20.90 -2.99
CA ASP A 120 -8.02 -21.53 -4.28
C ASP A 120 -8.99 -20.86 -5.25
N GLN A 121 -10.22 -20.63 -4.82
CA GLN A 121 -11.23 -19.99 -5.70
C GLN A 121 -10.80 -18.55 -6.02
N ILE A 122 -10.26 -17.86 -5.02
CA ILE A 122 -9.77 -16.50 -5.20
C ILE A 122 -8.64 -16.50 -6.21
N ALA A 123 -7.82 -17.54 -6.18
CA ALA A 123 -6.71 -17.65 -7.12
C ALA A 123 -7.25 -17.72 -8.54
N ASP A 124 -8.37 -18.42 -8.73
CA ASP A 124 -9.00 -18.52 -10.04
C ASP A 124 -9.38 -17.14 -10.55
N ARG A 125 -9.93 -16.32 -9.68
CA ARG A 125 -10.34 -14.97 -10.07
C ARG A 125 -9.15 -14.10 -10.40
N ILE A 126 -8.11 -14.19 -9.59
CA ILE A 126 -6.90 -13.39 -9.80
C ILE A 126 -6.29 -13.64 -11.18
N VAL A 127 -6.11 -14.89 -11.56
CA VAL A 127 -5.50 -15.20 -12.86
C VAL A 127 -6.45 -14.88 -14.01
N ALA A 128 -7.75 -14.88 -13.76
CA ALA A 128 -8.71 -14.53 -14.80
C ALA A 128 -8.67 -13.01 -15.00
N TYR A 129 -8.25 -12.29 -13.97
CA TYR A 129 -8.17 -10.84 -13.97
C TYR A 129 -6.83 -10.35 -14.49
N GLN A 130 -5.77 -11.07 -14.16
CA GLN A 130 -4.42 -10.71 -14.58
C GLN A 130 -3.85 -11.99 -15.20
N PRO A 131 -4.18 -12.22 -16.48
CA PRO A 131 -3.86 -13.47 -17.18
C PRO A 131 -2.37 -13.81 -17.36
N LYS A 132 -1.45 -12.87 -17.15
CA LYS A 132 0.00 -13.19 -17.23
C LYS A 132 0.43 -14.01 -15.99
N LEU A 133 -0.41 -14.06 -14.98
CA LEU A 133 -0.10 -14.86 -13.80
C LEU A 133 -0.61 -16.28 -14.00
N LYS A 134 0.02 -17.23 -13.33
CA LYS A 134 -0.34 -18.64 -13.41
C LYS A 134 -0.85 -19.09 -12.07
N LYS A 135 -1.94 -19.86 -12.05
CA LYS A 135 -2.55 -20.29 -10.78
C LYS A 135 -1.55 -20.91 -9.80
N ALA A 136 -0.71 -21.83 -10.28
CA ALA A 136 0.25 -22.47 -9.40
C ALA A 136 1.16 -21.44 -8.66
N ASP A 137 1.56 -20.36 -9.35
CA ASP A 137 2.40 -19.31 -8.73
C ASP A 137 1.63 -18.47 -7.72
N VAL A 138 0.38 -18.17 -8.01
CA VAL A 138 -0.43 -17.40 -7.09
C VAL A 138 -0.63 -18.20 -5.80
N LEU A 139 -0.92 -19.48 -5.92
CA LEU A 139 -1.09 -20.34 -4.75
C LEU A 139 0.23 -20.44 -3.97
N LYS A 140 1.34 -20.44 -4.69
CA LYS A 140 2.65 -20.52 -4.05
C LYS A 140 2.89 -19.26 -3.21
N THR A 141 2.62 -18.08 -3.79
CA THR A 141 2.77 -16.81 -3.09
C THR A 141 1.88 -16.76 -1.82
N ASP A 143 0.84 -19.03 0.21
CA ASP A 143 1.37 -19.86 1.30
C ASP A 143 2.89 -19.70 1.51
N ASP A 144 3.51 -18.78 0.79
CA ASP A 144 4.97 -18.57 0.92
C ASP A 144 5.35 -18.10 2.34
N PRO A 145 6.29 -18.79 2.99
CA PRO A 145 6.62 -18.38 4.37
C PRO A 145 7.03 -16.92 4.49
N GLU A 146 7.80 -16.44 3.54
CA GLU A 146 8.29 -15.07 3.57
C GLU A 146 7.18 -14.07 3.26
N PHE A 147 6.27 -14.40 2.35
CA PHE A 147 5.16 -13.52 2.10
C PHE A 147 4.20 -13.52 3.30
N VAL A 148 3.94 -14.68 3.88
CA VAL A 148 3.06 -14.74 5.03
C VAL A 148 3.64 -13.90 6.18
N ALA A 149 4.94 -14.02 6.41
CA ALA A 149 5.58 -13.26 7.48
C ALA A 149 5.46 -11.74 7.21
N SER A 150 5.48 -11.35 5.94
CA SER A 150 5.43 -9.91 5.62
C SER A 150 4.08 -9.39 6.02
N ILE A 152 2.18 -10.61 8.43
CA ILE A 152 2.16 -10.59 9.89
C ILE A 152 2.78 -9.28 10.38
N LYS A 153 3.82 -8.83 9.68
CA LYS A 153 4.52 -7.62 10.06
C LYS A 153 3.77 -6.36 9.65
N ALA A 154 3.10 -6.41 8.50
CA ALA A 154 2.43 -5.22 7.95
C ALA A 154 1.05 -4.96 8.56
N TYR A 155 0.39 -6.02 8.99
CA TYR A 155 -0.93 -5.94 9.60
C TYR A 155 -0.93 -6.74 10.92
N PRO A 156 -0.11 -6.30 11.88
CA PRO A 156 0.08 -7.01 13.15
C PRO A 156 -1.16 -7.21 13.99
N GLU A 157 -2.13 -6.30 13.94
N GLU A 157 -2.12 -6.29 13.91
CA GLU A 157 -3.34 -6.46 14.73
CA GLU A 157 -3.36 -6.39 14.66
C GLU A 157 -4.39 -7.35 14.03
C GLU A 157 -4.38 -7.35 14.03
N THR A 158 -4.12 -7.77 12.79
CA THR A 158 -5.05 -8.64 12.07
C THR A 158 -4.47 -10.02 11.77
N VAL A 159 -3.32 -10.07 11.16
CA VAL A 159 -2.66 -11.33 10.86
C VAL A 159 -1.59 -11.51 11.93
N THR A 160 -1.77 -12.49 12.82
CA THR A 160 -0.82 -12.74 13.90
C THR A 160 -0.18 -14.11 13.77
N ASN A 161 0.71 -14.44 14.70
CA ASN A 161 1.38 -15.74 14.69
C ASN A 161 0.42 -16.93 14.68
N ASP A 162 -0.85 -16.71 15.02
CA ASP A 162 -1.84 -17.77 15.00
C ASP A 162 -1.95 -18.45 13.62
N VAL A 163 -1.65 -17.72 12.55
CA VAL A 163 -1.75 -18.28 11.20
C VAL A 163 -0.62 -19.25 10.90
N LEU A 164 0.36 -19.33 11.81
CA LEU A 164 1.52 -20.22 11.62
C LEU A 164 1.37 -21.60 12.28
N ASN A 165 0.20 -21.90 12.83
CA ASN A 165 -0.01 -23.20 13.44
C ASN A 165 0.18 -24.30 12.38
N LYS A 166 1.05 -25.28 12.68
N LYS A 166 1.03 -25.28 12.71
CA LYS A 166 1.35 -26.36 11.74
CA LYS A 166 1.35 -26.39 11.80
C LYS A 166 0.13 -27.18 11.29
C LYS A 166 0.14 -27.16 11.29
N SER A 167 -0.97 -27.11 12.04
CA SER A 167 -2.20 -27.82 11.66
C SER A 167 -3.01 -27.11 10.58
N ILE A 168 -2.62 -25.90 10.21
CA ILE A 168 -3.37 -25.13 9.20
C ILE A 168 -2.89 -25.50 7.80
N LYS A 169 -3.83 -25.67 6.89
CA LYS A 169 -3.47 -26.04 5.52
C LYS A 169 -2.89 -24.86 4.74
N HIS A 170 -3.55 -23.71 4.83
CA HIS A 170 -3.16 -22.51 4.09
C HIS A 170 -3.30 -21.32 5.03
N PRO A 171 -2.18 -20.77 5.50
CA PRO A 171 -2.12 -19.70 6.48
C PRO A 171 -3.10 -18.56 6.33
N LEU A 172 -3.20 -17.99 5.14
CA LEU A 172 -4.04 -16.83 4.94
C LEU A 172 -5.47 -17.18 4.61
N GLU A 173 -5.86 -18.43 4.75
CA GLU A 173 -7.22 -18.79 4.43
C GLU A 173 -8.13 -17.91 5.30
N GLY A 174 -9.05 -17.21 4.66
CA GLY A 174 -10.02 -16.37 5.36
C GLY A 174 -9.58 -14.93 5.60
N TYR A 175 -8.33 -14.62 5.28
CA TYR A 175 -7.82 -13.26 5.50
C TYR A 175 -7.93 -12.33 4.29
N LEU A 176 -8.32 -12.87 3.14
CA LEU A 176 -8.50 -12.10 1.92
C LEU A 176 -9.97 -11.72 1.83
N TYR A 177 -10.27 -10.44 2.01
CA TYR A 177 -11.63 -9.95 2.17
C TYR A 177 -12.50 -9.93 0.91
N PRO A 178 -13.80 -10.26 1.06
CA PRO A 178 -14.73 -10.21 -0.08
C PRO A 178 -15.12 -8.78 -0.44
N ALA A 179 -14.85 -8.37 -1.69
CA ALA A 179 -15.08 -7.01 -2.15
C ALA A 179 -14.57 -6.89 -3.58
N THR A 180 -14.77 -5.74 -4.21
CA THR A 180 -14.26 -5.49 -5.54
C THR A 180 -12.98 -4.69 -5.41
N TYR A 181 -11.94 -5.07 -6.16
CA TYR A 181 -10.64 -4.41 -6.13
C TYR A 181 -10.21 -3.90 -7.51
N THR A 182 -9.44 -2.82 -7.56
CA THR A 182 -8.93 -2.31 -8.85
C THR A 182 -7.45 -1.97 -8.65
N PHE A 183 -6.68 -1.93 -9.74
CA PHE A 183 -5.24 -1.65 -9.64
C PHE A 183 -4.77 -0.77 -10.79
N LYS A 184 -3.90 0.19 -10.51
CA LYS A 184 -3.43 1.07 -11.60
C LYS A 184 -2.18 0.57 -12.31
N GLY A 185 -1.33 -0.15 -11.60
CA GLY A 185 -0.09 -0.64 -12.20
C GLY A 185 -0.28 -1.54 -13.40
N THR A 186 0.83 -1.86 -14.09
CA THR A 186 0.84 -2.76 -15.22
C THR A 186 1.38 -4.12 -14.75
N ASP A 187 0.78 -5.22 -15.19
CA ASP A 187 1.26 -6.54 -14.80
C ASP A 187 1.53 -6.55 -13.29
N VAL A 188 0.49 -6.29 -12.50
CA VAL A 188 0.70 -6.22 -11.06
C VAL A 188 0.97 -7.63 -10.54
N SER A 189 1.82 -7.71 -9.54
CA SER A 189 2.23 -8.98 -8.94
C SER A 189 1.11 -9.58 -8.10
N ALA A 190 1.17 -10.88 -7.86
CA ALA A 190 0.21 -11.56 -7.02
C ALA A 190 0.36 -11.04 -5.58
N GLU A 191 1.59 -10.67 -5.22
CA GLU A 191 1.85 -10.11 -3.90
C GLU A 191 1.09 -8.80 -3.73
N GLN A 192 1.16 -7.92 -4.71
CA GLN A 192 0.40 -6.66 -4.60
C GLN A 192 -1.07 -6.93 -4.47
N ILE A 193 -1.60 -7.81 -5.31
CA ILE A 193 -3.02 -8.10 -5.27
C ILE A 193 -3.43 -8.66 -3.91
N ILE A 194 -2.76 -9.69 -3.44
CA ILE A 194 -3.08 -10.34 -2.16
C ILE A 194 -2.94 -9.37 -1.00
N THR A 195 -1.93 -8.52 -1.04
CA THR A 195 -1.74 -7.55 0.04
C THR A 195 -2.99 -6.69 0.23
N GLU A 196 -3.60 -6.23 -0.86
CA GLU A 196 -4.80 -5.38 -0.76
C GLU A 196 -6.00 -6.10 -0.14
N VAL A 198 -5.67 -8.45 2.15
CA VAL A 198 -5.37 -8.52 3.58
C VAL A 198 -5.66 -7.16 4.22
N LYS A 199 -5.25 -6.10 3.53
CA LYS A 199 -5.48 -4.76 4.02
C LYS A 199 -6.97 -4.49 4.22
N ALA A 200 -7.79 -4.88 3.25
CA ALA A 200 -9.25 -4.65 3.35
C ALA A 200 -9.82 -5.36 4.58
N THR A 201 -9.27 -6.52 4.92
CA THR A 201 -9.71 -7.23 6.11
C THR A 201 -9.32 -6.45 7.35
N ASP A 202 -8.09 -5.94 7.36
CA ASP A 202 -7.62 -5.14 8.46
C ASP A 202 -8.50 -3.91 8.63
N VAL A 203 -8.83 -3.25 7.53
CA VAL A 203 -9.64 -2.05 7.58
C VAL A 203 -11.07 -2.31 8.03
N ASN A 204 -11.69 -3.33 7.44
CA ASN A 204 -13.10 -3.62 7.70
C ASN A 204 -13.49 -4.29 9.02
N ILE A 205 -12.54 -4.90 9.72
CA ILE A 205 -12.85 -5.48 11.02
C ILE A 205 -12.42 -4.54 12.14
N ALA A 206 -12.01 -3.33 11.78
CA ALA A 206 -11.58 -2.36 12.76
C ALA A 206 -12.75 -2.04 13.69
N LYS A 207 -13.96 -2.01 13.13
CA LYS A 207 -15.16 -1.68 13.90
C LYS A 207 -15.54 -2.75 14.91
N TYR A 208 -15.06 -3.97 14.70
CA TYR A 208 -15.38 -5.07 15.62
C TYR A 208 -14.31 -5.22 16.71
N ARG A 209 -13.24 -4.45 16.61
CA ARG A 209 -12.09 -4.65 17.50
C ARG A 209 -12.33 -4.51 19.02
N ASP A 210 -13.12 -3.53 19.43
CA ASP A 210 -13.41 -3.36 20.85
C ASP A 210 -14.23 -4.51 21.43
N GLU A 211 -15.16 -5.02 20.63
CA GLU A 211 -15.98 -6.14 21.06
C GLU A 211 -15.15 -7.44 21.10
N LEU A 212 -14.15 -7.56 20.23
CA LEU A 212 -13.28 -8.75 20.24
C LEU A 212 -12.46 -8.78 21.53
N THR A 213 -12.02 -7.60 21.96
CA THR A 213 -11.24 -7.44 23.18
C THR A 213 -12.12 -7.71 24.38
N LYS A 214 -13.35 -7.22 24.33
CA LYS A 214 -14.32 -7.43 25.40
C LYS A 214 -14.61 -8.93 25.63
N GLN A 215 -14.64 -9.72 24.55
CA GLN A 215 -14.93 -11.15 24.66
C GLN A 215 -13.66 -11.97 24.64
N LYS A 216 -12.51 -11.27 24.60
CA LYS A 216 -11.19 -11.92 24.53
C LYS A 216 -11.16 -12.97 23.41
N SER A 218 -9.65 -13.98 19.74
CA SER A 218 -8.60 -13.69 18.78
C SER A 218 -9.24 -13.42 17.42
N VAL A 219 -8.53 -12.71 16.55
CA VAL A 219 -9.05 -12.44 15.21
C VAL A 219 -9.18 -13.76 14.49
N HIS A 220 -8.19 -14.62 14.67
CA HIS A 220 -8.18 -15.91 13.98
C HIS A 220 -9.44 -16.70 14.28
N LYS A 221 -9.82 -16.81 15.55
CA LYS A 221 -11.03 -17.58 15.93
C LYS A 221 -12.29 -16.88 15.47
N PHE A 222 -12.28 -15.55 15.53
CA PHE A 222 -13.39 -14.76 15.05
C PHE A 222 -13.66 -15.09 13.61
N LEU A 223 -12.61 -15.05 12.80
CA LEU A 223 -12.77 -15.36 11.37
C LEU A 223 -13.07 -16.83 11.13
N THR A 224 -12.59 -17.70 12.01
CA THR A 224 -12.87 -19.12 11.84
C THR A 224 -14.36 -19.36 12.01
N SER A 226 -16.79 -17.23 11.79
CA SER A 226 -17.52 -16.55 10.75
C SER A 226 -17.59 -17.40 9.50
N SER A 227 -16.49 -18.08 9.18
CA SER A 227 -16.46 -18.90 7.98
C SER A 227 -17.38 -20.12 8.08
N ILE A 228 -17.43 -20.75 9.25
CA ILE A 228 -18.32 -21.91 9.34
C ILE A 228 -19.78 -21.44 9.28
N ILE A 229 -20.04 -20.26 9.84
CA ILE A 229 -21.38 -19.67 9.74
C ILE A 229 -21.67 -19.35 8.27
N GLU A 230 -20.68 -18.80 7.58
CA GLU A 230 -20.82 -18.41 6.18
C GLU A 230 -21.17 -19.60 5.26
N LYS A 231 -20.47 -20.72 5.45
CA LYS A 231 -20.69 -21.88 4.61
C LYS A 231 -22.00 -22.65 4.87
N GLU A 232 -22.59 -22.47 6.04
CA GLU A 232 -23.87 -23.14 6.36
C GLU A 232 -25.06 -22.28 6.01
N ALA A 233 -24.89 -20.97 6.17
CA ALA A 233 -25.95 -19.99 5.92
C ALA A 233 -26.56 -20.13 4.53
N THR A 234 -27.87 -20.31 4.50
CA THR A 234 -28.61 -20.44 3.24
C THR A 234 -28.88 -19.04 2.68
N GLU A 235 -30.04 -18.82 2.07
CA GLU A 235 -30.37 -17.52 1.49
C GLU A 235 -30.75 -16.55 2.63
N ASN A 236 -32.01 -16.62 3.07
CA ASN A 236 -32.53 -15.71 4.11
C ASN A 236 -32.49 -16.26 5.56
N VAL A 237 -31.85 -17.41 5.75
CA VAL A 237 -31.73 -18.02 7.08
C VAL A 237 -31.09 -17.06 8.11
N ASP A 238 -31.49 -17.19 9.37
CA ASP A 238 -30.94 -16.32 10.41
C ASP A 238 -29.57 -16.86 10.84
N ARG A 239 -28.53 -16.09 10.57
CA ARG A 239 -27.14 -16.48 10.89
C ARG A 239 -26.84 -16.49 12.38
N LYS A 240 -27.50 -15.60 13.11
CA LYS A 240 -27.30 -15.49 14.56
C LYS A 240 -27.78 -16.75 15.29
N ILE A 242 -27.73 -19.89 13.77
CA ILE A 242 -26.71 -20.86 13.40
C ILE A 242 -25.52 -20.67 14.34
N ALA A 243 -25.10 -19.42 14.52
CA ALA A 243 -23.99 -19.12 15.42
C ALA A 243 -24.28 -19.67 16.81
N SER A 244 -25.49 -19.41 17.33
CA SER A 244 -25.80 -19.88 18.68
C SER A 244 -25.71 -21.40 18.82
N VAL A 245 -26.02 -22.14 17.75
CA VAL A 245 -25.95 -23.59 17.80
C VAL A 245 -24.48 -24.02 17.92
N PHE A 246 -23.60 -23.34 17.19
CA PHE A 246 -22.17 -23.69 17.28
C PHE A 246 -21.58 -23.30 18.63
N TYR A 247 -22.01 -22.17 19.19
CA TYR A 247 -21.49 -21.79 20.50
C TYR A 247 -22.02 -22.72 21.56
N ASN A 248 -23.31 -23.06 21.46
CA ASN A 248 -23.92 -23.99 22.41
C ASN A 248 -23.18 -25.31 22.41
N ARG A 249 -22.79 -25.79 21.21
CA ARG A 249 -22.10 -27.07 21.10
C ARG A 249 -20.70 -26.99 21.67
N LEU A 250 -20.01 -25.88 21.43
CA LEU A 250 -18.68 -25.70 22.01
C LEU A 250 -18.79 -25.78 23.52
N ALA A 251 -19.79 -25.08 24.08
CA ALA A 251 -19.95 -24.97 25.52
C ALA A 251 -20.24 -26.29 26.22
N LYS A 252 -20.89 -27.22 25.51
CA LYS A 252 -21.27 -28.53 26.03
C LYS A 252 -20.32 -29.60 25.51
N ASP A 253 -19.18 -29.19 24.96
CA ASP A 253 -18.16 -30.12 24.42
C ASP A 253 -18.68 -31.07 23.33
N ARG A 255 -19.07 -31.88 19.28
CA ARG A 255 -18.38 -31.55 18.05
C ARG A 255 -19.32 -30.77 17.16
N LEU A 256 -18.76 -29.86 16.37
CA LEU A 256 -19.59 -28.99 15.50
C LEU A 256 -20.25 -29.75 14.34
N GLN A 257 -19.67 -30.87 13.94
CA GLN A 257 -20.23 -31.73 12.88
C GLN A 257 -20.79 -30.94 11.71
N THR A 258 -19.99 -30.02 11.19
CA THR A 258 -20.39 -29.17 10.08
C THR A 258 -19.68 -29.60 8.79
N ASP A 259 -20.50 -30.00 7.81
CA ASP A 259 -20.03 -30.51 6.51
C ASP A 259 -19.04 -29.65 5.72
N PRO A 260 -19.31 -28.35 5.59
CA PRO A 260 -18.33 -27.61 4.80
C PRO A 260 -16.87 -27.71 5.32
N THR A 261 -16.67 -28.07 6.58
CA THR A 261 -15.30 -28.24 7.06
C THR A 261 -14.69 -29.54 6.52
N VAL A 262 -15.50 -30.58 6.39
CA VAL A 262 -15.02 -31.83 5.84
C VAL A 262 -14.65 -31.61 4.37
N LEU A 263 -15.56 -30.98 3.64
CA LEU A 263 -15.32 -30.64 2.23
C LEU A 263 -14.02 -29.83 2.09
N TYR A 264 -13.82 -28.87 3.00
CA TYR A 264 -12.61 -28.08 2.99
C TYR A 264 -11.39 -28.98 3.20
N ALA A 265 -11.45 -29.90 4.19
CA ALA A 265 -10.31 -30.80 4.47
C ALA A 265 -9.94 -31.60 3.23
N LEU A 266 -10.94 -32.11 2.53
CA LEU A 266 -10.74 -32.84 1.28
C LEU A 266 -10.37 -31.91 0.12
N GLY A 267 -10.35 -30.60 0.37
CA GLY A 267 -9.99 -29.59 -0.62
C GLY A 267 -10.84 -29.58 -1.87
N GLU A 268 -12.15 -29.76 -1.71
CA GLU A 268 -13.04 -29.76 -2.87
C GLU A 268 -14.31 -28.94 -2.67
N HIS A 269 -14.76 -28.32 -3.75
CA HIS A 269 -15.95 -27.46 -3.79
C HIS A 269 -17.13 -28.25 -4.38
N LYS A 270 -17.51 -29.35 -3.74
CA LYS A 270 -18.62 -30.19 -4.20
C LYS A 270 -19.91 -29.99 -3.41
N SER A 271 -20.98 -30.61 -3.93
CA SER A 271 -22.33 -30.51 -3.37
C SER A 271 -22.48 -31.24 -2.02
N LYS A 272 -22.47 -32.58 -2.07
CA LYS A 272 -22.69 -33.42 -0.89
C LYS A 272 -21.42 -34.00 -0.28
N THR A 273 -21.60 -34.62 0.90
CA THR A 273 -20.52 -35.28 1.60
C THR A 273 -20.98 -36.69 1.95
N THR A 274 -20.29 -37.69 1.39
CA THR A 274 -20.59 -39.09 1.66
C THR A 274 -20.06 -39.51 3.04
N TYR A 275 -20.45 -40.69 3.50
CA TYR A 275 -20.02 -41.19 4.81
C TYR A 275 -18.53 -41.42 4.87
N LYS A 276 -17.94 -41.84 3.76
CA LYS A 276 -16.50 -42.08 3.68
C LYS A 276 -15.75 -40.75 3.83
N ASP A 277 -16.38 -39.66 3.43
CA ASP A 277 -15.80 -38.32 3.59
C ASP A 277 -15.75 -37.93 5.06
N LEU A 278 -16.77 -38.32 5.82
CA LEU A 278 -16.82 -38.02 7.25
C LEU A 278 -15.66 -38.64 8.02
N GLU A 279 -14.97 -39.61 7.42
CA GLU A 279 -13.82 -40.23 8.06
C GLU A 279 -12.47 -39.62 7.63
N VAL A 280 -12.48 -38.52 6.90
CA VAL A 280 -11.22 -37.88 6.47
C VAL A 280 -10.37 -37.55 7.70
N ASP A 281 -9.12 -37.97 7.66
CA ASP A 281 -8.20 -37.74 8.76
C ASP A 281 -7.55 -36.37 8.61
N SER A 282 -8.20 -35.35 9.16
CA SER A 282 -7.73 -33.96 9.11
C SER A 282 -8.19 -33.21 10.34
N PRO A 283 -7.37 -32.29 10.86
CA PRO A 283 -7.79 -31.51 12.02
C PRO A 283 -9.00 -30.58 11.72
N TYR A 284 -9.23 -30.30 10.44
CA TYR A 284 -10.38 -29.50 10.02
C TYR A 284 -11.67 -30.31 10.08
N ASN A 285 -11.56 -31.63 10.24
CA ASN A 285 -12.74 -32.47 10.29
C ASN A 285 -13.47 -32.33 11.62
N THR A 286 -14.54 -31.55 11.64
CA THR A 286 -15.31 -31.31 12.87
C THR A 286 -16.27 -32.45 13.21
N TYR A 287 -16.16 -33.57 12.50
CA TYR A 287 -16.93 -34.74 12.86
C TYR A 287 -16.04 -35.61 13.73
N LYS A 288 -14.72 -35.53 13.56
CA LYS A 288 -13.84 -36.34 14.39
C LYS A 288 -13.00 -35.54 15.42
N ASN A 289 -13.09 -34.21 15.38
CA ASN A 289 -12.37 -33.36 16.34
C ASN A 289 -13.30 -32.40 17.07
N ASN A 290 -13.10 -32.21 18.37
CA ASN A 290 -13.90 -31.26 19.11
C ASN A 290 -13.37 -29.85 18.87
N GLY A 291 -14.22 -28.85 19.09
CA GLY A 291 -13.82 -27.45 18.94
C GLY A 291 -13.80 -26.90 17.52
N LEU A 292 -13.41 -25.64 17.39
CA LEU A 292 -13.30 -25.05 16.10
C LEU A 292 -12.14 -25.68 15.35
N PRO A 293 -12.21 -25.70 14.02
CA PRO A 293 -11.10 -26.18 13.24
C PRO A 293 -9.91 -25.22 13.44
N PRO A 294 -8.71 -25.59 12.95
CA PRO A 294 -7.49 -24.79 13.15
C PRO A 294 -7.53 -23.38 12.57
N GLY A 295 -8.46 -23.13 11.67
CA GLY A 295 -8.61 -21.82 11.06
C GLY A 295 -9.82 -21.76 10.17
N PRO A 296 -10.04 -20.61 9.52
CA PRO A 296 -11.19 -20.48 8.64
C PRO A 296 -11.11 -21.38 7.43
N ILE A 297 -12.27 -21.71 6.88
CA ILE A 297 -12.36 -22.54 5.71
C ILE A 297 -12.78 -21.67 4.48
N SER A 298 -12.96 -20.37 4.70
CA SER A 298 -13.31 -19.41 3.64
C SER A 298 -13.32 -18.01 4.21
N ASN A 299 -13.53 -17.00 3.35
CA ASN A 299 -13.70 -15.62 3.83
C ASN A 299 -15.18 -15.43 4.16
N SER A 300 -15.54 -14.34 4.84
CA SER A 300 -16.92 -14.14 5.30
C SER A 300 -17.51 -12.76 5.01
N GLY A 301 -18.82 -12.72 4.91
CA GLY A 301 -19.57 -11.49 4.71
C GLY A 301 -19.79 -10.83 6.05
N ASP A 302 -20.36 -9.64 6.04
CA ASP A 302 -20.58 -8.89 7.26
C ASP A 302 -21.65 -9.49 8.16
N SER A 303 -22.69 -10.08 7.58
CA SER A 303 -23.72 -10.69 8.41
C SER A 303 -23.13 -11.88 9.15
N SER A 304 -22.30 -12.68 8.49
CA SER A 304 -21.66 -13.80 9.16
C SER A 304 -20.71 -13.30 10.23
N GLU A 306 -21.09 -10.37 11.96
CA GLU A 306 -21.94 -9.86 13.00
C GLU A 306 -22.47 -11.06 13.80
N ALA A 307 -22.82 -12.12 13.07
CA ALA A 307 -23.33 -13.33 13.65
C ALA A 307 -22.33 -13.95 14.64
N ALA A 308 -21.07 -14.02 14.24
CA ALA A 308 -20.02 -14.61 15.09
C ALA A 308 -19.84 -13.84 16.41
N LEU A 309 -19.82 -12.51 16.33
CA LEU A 309 -19.63 -11.67 17.51
C LEU A 309 -20.88 -11.48 18.34
N TYR A 310 -22.05 -11.43 17.70
CA TYR A 310 -23.30 -11.21 18.42
C TYR A 310 -24.31 -12.33 18.17
N PRO A 311 -23.98 -13.54 18.62
CA PRO A 311 -24.87 -14.67 18.47
C PRO A 311 -26.17 -14.50 19.26
N GLU A 312 -27.16 -15.28 18.86
CA GLU A 312 -28.46 -15.26 19.48
C GLU A 312 -28.34 -16.12 20.73
N LYS A 313 -29.19 -15.87 21.73
CA LYS A 313 -29.21 -16.72 22.93
C LYS A 313 -30.31 -17.75 22.77
N SER A 314 -29.95 -19.03 22.76
CA SER A 314 -30.94 -20.09 22.61
C SER A 314 -30.43 -21.41 23.17
N ASP A 315 -31.28 -22.43 23.15
CA ASP A 315 -30.91 -23.77 23.60
C ASP A 315 -30.92 -24.75 22.43
N TYR A 316 -30.77 -24.23 21.22
CA TYR A 316 -30.75 -25.07 20.04
C TYR A 316 -29.38 -25.75 19.91
N LEU A 317 -29.40 -27.07 19.67
CA LEU A 317 -28.16 -27.84 19.48
C LEU A 317 -28.06 -28.44 18.07
N TYR A 318 -29.13 -28.32 17.27
CA TYR A 318 -29.15 -28.85 15.91
C TYR A 318 -29.86 -27.93 14.91
N PHE A 319 -29.61 -28.17 13.64
CA PHE A 319 -30.27 -27.42 12.57
C PHE A 319 -30.11 -28.18 11.26
N LEU A 320 -31.12 -28.06 10.39
CA LEU A 320 -31.08 -28.73 9.10
C LEU A 320 -31.42 -27.71 8.00
N ALA A 321 -30.64 -27.72 6.93
CA ALA A 321 -30.76 -26.74 5.84
C ALA A 321 -31.46 -27.23 4.56
N ASN A 322 -31.69 -26.29 3.65
CA ASN A 322 -32.34 -26.56 2.36
C ASN A 322 -31.89 -25.55 1.30
N LYS A 327 -35.61 -22.10 3.96
CA LYS A 327 -36.24 -22.86 5.03
C LYS A 327 -35.17 -23.56 5.86
N VAL A 328 -35.08 -23.23 7.15
CA VAL A 328 -34.11 -23.85 8.08
C VAL A 328 -34.77 -24.11 9.43
N TYR A 329 -34.83 -25.39 9.83
CA TYR A 329 -35.48 -25.77 11.08
C TYR A 329 -34.46 -26.04 12.19
N PHE A 330 -34.56 -25.25 13.27
CA PHE A 330 -33.69 -25.40 14.45
C PHE A 330 -34.40 -26.23 15.51
N SER A 331 -33.83 -27.37 15.87
CA SER A 331 -34.39 -28.21 16.93
C SER A 331 -33.45 -28.19 18.14
N LYS A 332 -34.03 -28.19 19.34
CA LYS A 332 -33.27 -28.06 20.59
C LYS A 332 -32.94 -29.35 21.31
N THR A 333 -33.32 -30.49 20.75
CA THR A 333 -33.02 -31.77 21.37
C THR A 333 -32.56 -32.79 20.34
N LEU A 334 -31.92 -33.82 20.84
CA LEU A 334 -31.38 -34.89 20.02
C LEU A 334 -32.53 -35.47 19.19
N GLU A 335 -33.62 -35.81 19.90
CA GLU A 335 -34.83 -36.42 19.33
C GLU A 335 -35.52 -35.64 18.22
N GLU A 336 -35.91 -34.41 18.52
CA GLU A 336 -36.61 -33.54 17.57
C GLU A 336 -35.94 -33.49 16.19
N HIS A 337 -34.61 -33.50 16.18
CA HIS A 337 -33.82 -33.43 14.94
C HIS A 337 -33.93 -34.72 14.13
N ASN A 338 -33.59 -35.84 14.77
CA ASN A 338 -33.65 -37.15 14.13
C ASN A 338 -35.06 -37.48 13.64
N LYS A 339 -36.06 -36.97 14.36
CA LYS A 339 -37.46 -37.19 14.02
C LYS A 339 -37.98 -36.05 13.12
N LEU A 340 -37.07 -35.41 12.39
CA LEU A 340 -37.44 -34.30 11.50
C LEU A 340 -36.81 -34.51 10.12
N LYS A 341 -36.63 -35.76 9.74
CA LYS A 341 -36.09 -36.09 8.41
C LYS A 341 -37.30 -36.22 7.46
N GLU A 342 -37.09 -35.93 6.17
CA GLU A 342 -38.15 -35.97 5.15
C GLU A 342 -39.48 -35.38 5.64
N SER B 35 -16.69 29.83 15.67
CA SER B 35 -16.80 30.09 17.13
C SER B 35 -15.49 30.69 17.71
N LYS B 36 -14.33 30.16 17.30
CA LYS B 36 -12.99 30.64 17.73
C LYS B 36 -12.02 30.68 16.53
N GLU B 37 -11.05 31.59 16.60
CA GLU B 37 -10.04 31.72 15.53
C GLU B 37 -8.77 30.98 15.98
N LYS B 38 -8.15 30.26 15.04
CA LYS B 38 -6.98 29.42 15.35
C LYS B 38 -5.68 29.95 14.75
N ILE B 39 -4.68 30.12 15.61
CA ILE B 39 -3.37 30.62 15.21
C ILE B 39 -2.36 29.50 15.37
N THR B 40 -1.64 29.19 14.31
CA THR B 40 -0.65 28.15 14.41
C THR B 40 0.67 28.79 14.80
N VAL B 41 1.29 28.30 15.88
CA VAL B 41 2.56 28.83 16.33
C VAL B 41 3.60 27.72 16.23
N GLU B 42 4.86 28.10 16.04
CA GLU B 42 5.95 27.15 15.92
C GLU B 42 7.01 27.39 16.98
N ILE B 43 7.26 26.36 17.78
CA ILE B 43 8.26 26.43 18.83
C ILE B 43 9.46 25.61 18.38
N PRO B 44 10.57 26.29 18.04
CA PRO B 44 11.74 25.56 17.59
C PRO B 44 12.40 24.77 18.70
N ALA B 45 13.10 23.69 18.34
CA ALA B 45 13.82 22.89 19.30
C ALA B 45 14.80 23.80 20.07
N GLY B 46 15.00 23.50 21.35
CA GLY B 46 15.92 24.26 22.18
C GLY B 46 15.44 25.65 22.53
N SER B 47 14.13 25.89 22.48
CA SER B 47 13.62 27.19 22.82
C SER B 47 13.53 27.32 24.32
N SER B 48 14.00 28.43 24.87
CA SER B 48 13.91 28.71 26.30
C SER B 48 12.49 29.16 26.63
N ILE B 49 12.22 29.33 27.91
CA ILE B 49 10.90 29.80 28.32
C ILE B 49 10.66 31.21 27.76
N SER B 50 11.67 32.06 27.81
CA SER B 50 11.48 33.39 27.25
C SER B 50 11.21 33.27 25.76
N ASP B 51 11.96 32.40 25.08
CA ASP B 51 11.72 32.19 23.67
C ASP B 51 10.26 31.89 23.39
N ILE B 52 9.70 30.94 24.14
CA ILE B 52 8.31 30.52 23.96
C ILE B 52 7.30 31.62 24.25
N SER B 53 7.49 32.28 25.38
CA SER B 53 6.62 33.38 25.78
C SER B 53 6.52 34.44 24.68
N THR B 54 7.67 34.81 24.15
CA THR B 54 7.76 35.88 23.16
C THR B 54 7.13 35.47 21.82
N ILE B 55 7.25 34.20 21.45
CA ILE B 55 6.58 33.74 20.22
C ILE B 55 5.06 33.82 20.42
N LEU B 56 4.56 33.42 21.60
CA LEU B 56 3.13 33.51 21.88
C LEU B 56 2.62 34.96 21.76
N GLU B 57 3.40 35.89 22.31
CA GLU B 57 3.03 37.32 22.28
C GLU B 57 3.09 37.81 20.82
N ASP B 58 4.18 37.48 20.13
CA ASP B 58 4.32 37.85 18.71
C ASP B 58 3.09 37.40 17.92
N LYS B 59 2.66 36.17 18.16
CA LYS B 59 1.53 35.59 17.43
C LYS B 59 0.15 35.98 17.98
N LYS B 60 0.16 36.84 18.99
CA LYS B 60 -1.05 37.40 19.59
C LYS B 60 -1.95 36.37 20.24
N VAL B 61 -1.36 35.35 20.83
CA VAL B 61 -2.11 34.32 21.53
C VAL B 61 -2.21 34.78 22.99
N ILE B 62 -1.15 35.41 23.47
CA ILE B 62 -1.15 35.99 24.77
C ILE B 62 -0.83 37.47 24.58
N ASN B 63 -1.01 38.21 25.66
CA ASN B 63 -0.83 39.64 25.68
C ASN B 63 0.59 40.06 26.12
N ASN B 64 1.15 39.34 27.09
CA ASN B 64 2.40 39.72 27.71
C ASN B 64 3.32 38.53 27.96
N ALA B 65 4.47 38.53 27.29
CA ALA B 65 5.45 37.45 27.41
C ALA B 65 5.97 37.26 28.88
N SER B 66 6.24 38.35 29.58
CA SER B 66 6.70 38.27 30.99
C SER B 66 5.76 37.51 31.91
N ILE B 67 4.49 37.89 31.84
CA ILE B 67 3.48 37.31 32.69
C ILE B 67 3.34 35.81 32.39
N PHE B 68 3.50 35.43 31.13
CA PHE B 68 3.46 34.03 30.78
C PHE B 68 4.70 33.29 31.33
N SER B 69 5.87 33.90 31.27
CA SER B 69 7.06 33.28 31.80
C SER B 69 6.90 33.06 33.29
N PHE B 70 6.28 34.02 33.97
CA PHE B 70 6.05 33.90 35.40
C PHE B 70 5.11 32.74 35.68
N TYR B 71 4.08 32.57 34.87
CA TYR B 71 3.13 31.48 35.10
C TYR B 71 3.84 30.14 35.06
N VAL B 72 4.65 29.98 34.01
CA VAL B 72 5.39 28.73 33.77
C VAL B 72 6.31 28.40 34.93
N LYS B 73 7.01 29.40 35.41
CA LYS B 73 7.98 29.20 36.49
C LYS B 73 7.27 28.96 37.83
N TYR B 74 6.21 29.72 38.10
CA TYR B 74 5.43 29.63 39.35
C TYR B 74 4.81 28.25 39.56
N ASN B 75 4.27 27.70 38.48
CA ASN B 75 3.65 26.39 38.48
C ASN B 75 4.66 25.28 38.21
N ASN B 76 5.85 25.69 37.77
CA ASN B 76 6.96 24.78 37.46
C ASN B 76 6.70 23.87 36.26
N ASP B 77 5.98 24.40 35.29
CA ASP B 77 5.60 23.71 34.06
C ASP B 77 6.66 23.96 32.99
N THR B 78 7.90 23.56 33.28
CA THR B 78 9.01 23.84 32.38
C THR B 78 9.25 22.79 31.27
N ASN B 79 8.58 21.64 31.36
CA ASN B 79 8.72 20.59 30.36
C ASN B 79 7.90 20.86 29.07
N LEU B 80 8.15 21.99 28.42
CA LEU B 80 7.38 22.36 27.21
C LEU B 80 8.03 21.82 25.92
N LYS B 81 7.30 20.97 25.22
CA LYS B 81 7.80 20.31 24.01
C LYS B 81 7.84 21.22 22.78
N ALA B 82 8.90 21.12 21.99
CA ALA B 82 9.01 21.89 20.74
C ALA B 82 7.99 21.36 19.72
N GLY B 83 7.66 22.15 18.71
CA GLY B 83 6.75 21.69 17.64
C GLY B 83 5.71 22.72 17.19
N ASN B 84 4.76 22.27 16.40
CA ASN B 84 3.69 23.13 15.87
C ASN B 84 2.39 22.88 16.61
N TYR B 85 1.79 23.96 17.12
CA TYR B 85 0.55 23.91 17.89
C TYR B 85 -0.54 24.82 17.31
N GLU B 86 -1.81 24.42 17.45
CA GLU B 86 -2.95 25.28 17.08
C GLU B 86 -3.54 25.82 18.36
N LEU B 87 -3.29 27.10 18.57
CA LEU B 87 -3.73 27.79 19.76
C LEU B 87 -4.72 28.88 19.34
N SER B 88 -5.48 29.34 20.31
CA SER B 88 -6.48 30.36 20.08
C SER B 88 -6.18 31.54 21.00
N PRO B 89 -6.50 32.78 20.57
CA PRO B 89 -6.28 33.86 21.52
C PRO B 89 -7.31 33.74 22.63
N ALA B 90 -6.99 34.26 23.80
CA ALA B 90 -7.86 34.19 24.97
C ALA B 90 -7.97 32.77 25.52
N ASN B 92 -7.26 29.97 27.71
CA ASN B 92 -6.80 29.98 29.08
C ASN B 92 -5.34 29.53 29.12
N THR B 93 -4.52 30.25 29.89
CA THR B 93 -3.09 29.95 30.02
C THR B 93 -2.81 28.50 30.37
N ASP B 94 -3.64 27.94 31.24
CA ASP B 94 -3.47 26.54 31.66
C ASP B 94 -3.56 25.59 30.48
N GLN B 95 -4.53 25.84 29.59
CA GLN B 95 -4.68 24.98 28.43
C GLN B 95 -3.48 25.11 27.52
N ILE B 96 -2.99 26.33 27.33
CA ILE B 96 -1.87 26.51 26.42
C ILE B 96 -0.73 25.66 26.91
N VAL B 97 -0.35 25.89 28.16
CA VAL B 97 0.76 25.19 28.79
C VAL B 97 0.55 23.69 28.80
N LYS B 98 -0.67 23.27 29.02
CA LYS B 98 -1.00 21.84 29.09
C LYS B 98 -0.78 21.14 27.73
N LYS B 99 -1.12 21.82 26.62
CA LYS B 99 -0.86 21.29 25.27
C LYS B 99 0.64 21.11 25.01
N GLN B 101 3.06 20.82 27.33
CA GLN B 101 3.59 19.81 28.23
C GLN B 101 3.38 18.43 27.65
N GLU B 102 2.14 18.15 27.30
CA GLU B 102 1.75 16.85 26.72
C GLU B 102 2.24 16.71 25.27
N GLY B 103 2.57 17.83 24.65
CA GLY B 103 3.07 17.82 23.28
C GLY B 103 1.98 17.49 22.28
N LYS B 104 0.77 17.99 22.52
CA LYS B 104 -0.36 17.76 21.62
C LYS B 104 -0.25 18.74 20.48
N THR B 105 0.63 18.42 19.55
CA THR B 105 0.91 19.24 18.38
C THR B 105 -0.02 18.98 17.18
N VAL B 106 0.08 19.85 16.17
CA VAL B 106 -0.71 19.78 14.94
C VAL B 106 -0.47 18.49 14.17
N ALA B 107 -1.49 17.64 14.09
CA ALA B 107 -1.43 16.36 13.36
C ALA B 107 -1.99 16.53 11.95
N PRO B 108 -1.14 16.47 10.92
CA PRO B 108 -1.62 16.65 9.54
C PRO B 108 -2.72 15.67 9.13
N ALA B 109 -3.76 16.20 8.48
CA ALA B 109 -4.86 15.36 8.01
C ALA B 109 -4.33 14.33 7.02
N LYS B 110 -3.38 14.73 6.19
CA LYS B 110 -2.80 13.83 5.16
C LYS B 110 -1.27 13.75 5.26
N LEU B 111 -0.71 12.69 4.67
CA LEU B 111 0.74 12.49 4.66
C LEU B 111 1.31 13.01 3.34
N VAL B 112 1.95 14.18 3.37
CA VAL B 112 2.52 14.77 2.16
C VAL B 112 4.03 14.51 2.08
N ILE B 113 4.49 13.96 0.97
CA ILE B 113 5.92 13.68 0.77
C ILE B 113 6.42 14.49 -0.44
N PRO B 114 7.18 15.55 -0.20
CA PRO B 114 7.67 16.34 -1.30
C PRO B 114 8.89 15.75 -2.03
N GLU B 115 9.19 16.35 -3.17
CA GLU B 115 10.35 16.00 -3.98
C GLU B 115 11.65 16.43 -3.27
N GLY B 116 12.74 15.75 -3.59
CA GLY B 116 14.05 16.10 -3.00
C GLY B 116 14.23 15.64 -1.57
N TYR B 117 13.34 14.77 -1.12
CA TYR B 117 13.39 14.23 0.22
C TYR B 117 14.11 12.89 0.29
N THR B 118 14.87 12.72 1.38
CA THR B 118 15.59 11.49 1.68
C THR B 118 14.71 10.63 2.55
N LEU B 119 15.10 9.38 2.76
CA LEU B 119 14.30 8.49 3.63
C LEU B 119 14.22 9.05 5.06
N ASP B 120 15.26 9.73 5.52
CA ASP B 120 15.23 10.26 6.89
C ASP B 120 14.09 11.29 7.05
N GLN B 121 13.96 12.17 6.06
CA GLN B 121 12.95 13.21 6.06
C GLN B 121 11.55 12.63 5.89
N ILE B 122 11.45 11.57 5.08
CA ILE B 122 10.17 10.90 4.88
C ILE B 122 9.80 10.30 6.22
N ALA B 123 10.78 9.80 6.95
CA ALA B 123 10.51 9.19 8.26
C ALA B 123 9.86 10.20 9.22
N ASP B 124 10.29 11.47 9.13
CA ASP B 124 9.73 12.54 9.96
C ASP B 124 8.28 12.81 9.58
N ARG B 125 8.02 12.95 8.29
CA ARG B 125 6.66 13.24 7.84
C ARG B 125 5.75 12.09 8.28
N ILE B 126 6.25 10.86 8.19
CA ILE B 126 5.49 9.68 8.62
C ILE B 126 5.16 9.74 10.12
N VAL B 127 6.17 9.99 10.96
CA VAL B 127 5.98 10.08 12.42
C VAL B 127 5.03 11.22 12.79
N ALA B 128 5.20 12.38 12.16
CA ALA B 128 4.31 13.50 12.40
C ALA B 128 2.84 13.14 12.09
N TYR B 129 2.65 12.34 11.04
CA TYR B 129 1.31 11.96 10.59
C TYR B 129 0.69 10.81 11.40
N GLN B 130 1.52 9.83 11.77
CA GLN B 130 1.07 8.69 12.55
C GLN B 130 1.96 8.68 13.80
N PRO B 131 1.60 9.50 14.81
CA PRO B 131 2.39 9.69 16.05
C PRO B 131 2.67 8.44 16.88
N LYS B 132 1.80 7.44 16.82
CA LYS B 132 2.06 6.21 17.58
C LYS B 132 3.35 5.52 17.10
N LEU B 133 3.80 5.86 15.89
CA LEU B 133 5.04 5.32 15.34
C LEU B 133 6.28 6.13 15.78
N LYS B 134 7.37 5.42 16.01
CA LYS B 134 8.65 6.01 16.43
C LYS B 134 9.63 6.08 15.27
N LYS B 135 10.40 7.17 15.20
CA LYS B 135 11.34 7.37 14.10
C LYS B 135 12.34 6.23 13.92
N ALA B 136 12.95 5.78 15.02
CA ALA B 136 13.95 4.71 14.96
C ALA B 136 13.41 3.42 14.29
N ASP B 137 12.15 3.08 14.55
CA ASP B 137 11.52 1.87 13.99
C ASP B 137 11.22 2.00 12.50
N VAL B 138 10.73 3.18 12.12
CA VAL B 138 10.42 3.47 10.75
C VAL B 138 11.68 3.40 9.92
N LEU B 139 12.80 3.89 10.46
CA LEU B 139 14.08 3.81 9.75
C LEU B 139 14.52 2.35 9.65
N LYS B 140 14.35 1.60 10.73
CA LYS B 140 14.70 0.19 10.71
C LYS B 140 13.87 -0.58 9.66
N THR B 141 12.57 -0.31 9.60
CA THR B 141 11.72 -1.00 8.66
C THR B 141 12.21 -0.72 7.25
N ASP B 143 15.10 -0.10 6.10
CA ASP B 143 16.34 -0.86 5.79
C ASP B 143 16.28 -2.33 6.19
N ASP B 144 15.13 -2.81 6.67
CA ASP B 144 15.03 -4.21 7.08
C ASP B 144 15.19 -5.18 5.88
N PRO B 145 16.21 -6.05 5.92
CA PRO B 145 16.43 -7.00 4.82
C PRO B 145 15.16 -7.72 4.36
N GLU B 146 14.36 -8.23 5.30
CA GLU B 146 13.11 -8.92 4.93
C GLU B 146 12.08 -7.94 4.33
N PHE B 147 11.99 -6.72 4.84
CA PHE B 147 11.05 -5.80 4.24
C PHE B 147 11.48 -5.47 2.82
N VAL B 148 12.79 -5.25 2.63
CA VAL B 148 13.31 -4.90 1.31
C VAL B 148 13.12 -6.06 0.34
N ALA B 149 13.37 -7.28 0.80
CA ALA B 149 13.16 -8.44 -0.08
C ALA B 149 11.69 -8.53 -0.53
N SER B 150 10.75 -8.18 0.36
CA SER B 150 9.31 -8.25 0.04
C SER B 150 8.93 -7.24 -1.02
N ILE B 152 11.13 -6.21 -3.38
CA ILE B 152 11.73 -6.73 -4.60
C ILE B 152 10.80 -7.79 -5.20
N LYS B 153 10.05 -8.47 -4.35
CA LYS B 153 9.14 -9.48 -4.82
C LYS B 153 7.81 -8.89 -5.31
N ALA B 154 7.31 -7.87 -4.61
CA ALA B 154 6.01 -7.27 -4.93
C ALA B 154 6.02 -6.32 -6.13
N TYR B 155 7.16 -5.66 -6.36
CA TYR B 155 7.32 -4.72 -7.46
C TYR B 155 8.60 -5.03 -8.24
N PRO B 156 8.62 -6.20 -8.90
CA PRO B 156 9.81 -6.70 -9.58
C PRO B 156 10.29 -5.89 -10.78
N GLU B 157 9.41 -5.10 -11.39
CA GLU B 157 9.80 -4.27 -12.55
C GLU B 157 10.48 -2.99 -12.06
N THR B 158 10.24 -2.63 -10.80
CA THR B 158 10.72 -1.36 -10.25
C THR B 158 11.85 -1.47 -9.26
N VAL B 159 11.69 -2.29 -8.23
CA VAL B 159 12.74 -2.50 -7.22
C VAL B 159 13.37 -3.84 -7.50
N THR B 160 14.62 -3.84 -7.98
CA THR B 160 15.31 -5.09 -8.33
C THR B 160 16.49 -5.35 -7.43
N ASN B 161 17.24 -6.43 -7.71
CA ASN B 161 18.45 -6.74 -6.96
C ASN B 161 19.45 -5.58 -6.93
N ASP B 162 19.31 -4.61 -7.84
CA ASP B 162 20.17 -3.45 -7.84
C ASP B 162 20.23 -2.76 -6.47
N VAL B 163 19.12 -2.75 -5.74
CA VAL B 163 19.08 -2.09 -4.44
C VAL B 163 19.87 -2.81 -3.36
N LEU B 164 20.24 -4.05 -3.60
CA LEU B 164 21.00 -4.79 -2.60
C LEU B 164 22.50 -4.64 -2.80
N ASN B 165 22.93 -3.62 -3.53
CA ASN B 165 24.36 -3.46 -3.72
C ASN B 165 25.06 -2.98 -2.46
N LYS B 166 26.03 -3.80 -2.04
CA LYS B 166 26.84 -3.59 -0.87
C LYS B 166 27.19 -2.12 -0.54
N SER B 167 27.40 -1.31 -1.58
CA SER B 167 27.82 0.08 -1.41
C SER B 167 26.69 1.08 -1.14
N ILE B 168 25.44 0.64 -1.18
CA ILE B 168 24.31 1.52 -0.96
C ILE B 168 24.11 1.75 0.52
N LYS B 169 23.87 2.99 0.94
CA LYS B 169 23.59 3.27 2.35
C LYS B 169 22.21 2.75 2.76
N HIS B 170 21.17 3.17 2.03
CA HIS B 170 19.80 2.76 2.34
C HIS B 170 19.10 2.24 1.09
N PRO B 171 18.94 0.93 0.99
CA PRO B 171 18.40 0.30 -0.20
C PRO B 171 17.24 1.01 -0.94
N LEU B 172 16.25 1.51 -0.22
CA LEU B 172 15.07 2.13 -0.85
C LEU B 172 15.19 3.63 -1.05
N GLU B 173 16.37 4.18 -0.82
CA GLU B 173 16.56 5.61 -1.03
C GLU B 173 16.16 5.89 -2.46
N GLY B 174 15.22 6.80 -2.65
CA GLY B 174 14.75 7.18 -3.99
C GLY B 174 13.53 6.45 -4.50
N TYR B 175 13.15 5.37 -3.82
CA TYR B 175 12.02 4.53 -4.26
C TYR B 175 10.66 4.85 -3.62
N LEU B 176 10.62 5.82 -2.72
CA LEU B 176 9.35 6.26 -2.10
C LEU B 176 8.91 7.54 -2.83
N TYR B 177 7.89 7.41 -3.68
CA TYR B 177 7.44 8.51 -4.55
C TYR B 177 6.88 9.71 -3.79
N PRO B 178 7.16 10.93 -4.30
CA PRO B 178 6.59 12.11 -3.70
C PRO B 178 5.16 12.33 -4.18
N ALA B 179 4.22 12.35 -3.24
CA ALA B 179 2.80 12.54 -3.50
C ALA B 179 2.11 12.71 -2.15
N THR B 180 0.79 12.79 -2.18
CA THR B 180 0.00 12.92 -0.97
C THR B 180 -0.66 11.60 -0.78
N TYR B 181 -0.54 11.03 0.41
CA TYR B 181 -1.12 9.71 0.70
C TYR B 181 -2.06 9.84 1.87
N THR B 182 -3.06 8.96 1.94
CA THR B 182 -4.01 8.92 3.08
C THR B 182 -4.31 7.44 3.37
N PHE B 183 -4.65 7.14 4.61
CA PHE B 183 -4.88 5.75 5.03
C PHE B 183 -6.17 5.59 5.79
N LYS B 184 -6.99 4.62 5.38
CA LYS B 184 -8.25 4.35 6.06
C LYS B 184 -8.03 3.68 7.41
N GLY B 185 -6.98 2.86 7.51
CA GLY B 185 -6.64 2.13 8.73
C GLY B 185 -6.54 2.93 10.04
N THR B 186 -6.46 2.20 11.15
CA THR B 186 -6.42 2.79 12.49
C THR B 186 -4.96 2.97 13.06
N ASP B 187 -4.20 1.88 13.18
CA ASP B 187 -2.78 1.96 13.65
C ASP B 187 -1.90 1.53 12.49
N VAL B 188 -2.02 2.27 11.41
CA VAL B 188 -1.30 1.95 10.22
C VAL B 188 0.19 1.74 10.51
N SER B 189 0.73 0.62 10.02
CA SER B 189 2.12 0.26 10.24
C SER B 189 3.01 0.96 9.26
N ALA B 190 4.27 1.10 9.64
CA ALA B 190 5.25 1.70 8.79
C ALA B 190 5.37 0.93 7.46
N GLU B 191 5.25 -0.40 7.54
CA GLU B 191 5.33 -1.25 6.34
C GLU B 191 4.21 -0.91 5.36
N GLN B 192 2.98 -0.75 5.85
CA GLN B 192 1.86 -0.42 4.96
C GLN B 192 2.11 0.88 4.25
N ILE B 193 2.57 1.87 5.01
CA ILE B 193 2.80 3.20 4.47
C ILE B 193 3.91 3.20 3.42
N ILE B 194 5.05 2.63 3.78
CA ILE B 194 6.17 2.57 2.87
C ILE B 194 5.74 1.84 1.59
N THR B 195 4.98 0.75 1.75
CA THR B 195 4.54 0.00 0.58
C THR B 195 3.76 0.89 -0.37
N GLU B 196 2.89 1.74 0.15
CA GLU B 196 2.11 2.60 -0.75
C GLU B 196 2.99 3.57 -1.54
N VAL B 198 6.16 2.92 -2.39
CA VAL B 198 6.88 2.14 -3.38
C VAL B 198 5.95 1.82 -4.57
N LYS B 199 4.68 1.56 -4.26
CA LYS B 199 3.68 1.30 -5.30
C LYS B 199 3.47 2.53 -6.16
N ALA B 200 3.45 3.71 -5.56
CA ALA B 200 3.29 4.93 -6.34
C ALA B 200 4.44 5.07 -7.35
N THR B 201 5.65 4.75 -6.92
CA THR B 201 6.80 4.85 -7.82
C THR B 201 6.58 3.93 -9.01
N ASP B 202 6.24 2.67 -8.72
CA ASP B 202 5.98 1.66 -9.73
C ASP B 202 4.92 2.12 -10.72
N VAL B 203 3.82 2.67 -10.22
CA VAL B 203 2.74 3.14 -11.08
C VAL B 203 3.13 4.34 -11.92
N ASN B 204 3.86 5.26 -11.31
CA ASN B 204 4.14 6.53 -11.95
C ASN B 204 5.31 6.60 -12.88
N ILE B 205 6.11 5.54 -12.94
CA ILE B 205 7.21 5.51 -13.88
C ILE B 205 6.81 4.63 -15.08
N ALA B 206 5.60 4.08 -15.04
CA ALA B 206 5.10 3.23 -16.13
C ALA B 206 5.22 3.91 -17.49
N LYS B 207 5.03 5.22 -17.51
CA LYS B 207 5.12 5.99 -18.75
C LYS B 207 6.54 6.10 -19.31
N TYR B 208 7.56 5.90 -18.47
CA TYR B 208 8.94 5.98 -18.93
C TYR B 208 9.51 4.63 -19.36
N ARG B 209 8.77 3.54 -19.11
CA ARG B 209 9.23 2.17 -19.41
C ARG B 209 9.79 2.03 -20.81
N ASP B 210 9.02 2.46 -21.81
CA ASP B 210 9.42 2.33 -23.19
C ASP B 210 10.75 3.03 -23.47
N GLU B 211 10.95 4.22 -22.90
CA GLU B 211 12.20 4.92 -23.16
C GLU B 211 13.37 4.26 -22.41
N LEU B 212 13.13 3.80 -21.18
CA LEU B 212 14.16 3.09 -20.41
C LEU B 212 14.67 1.85 -21.17
N THR B 213 13.74 1.07 -21.73
CA THR B 213 14.07 -0.13 -22.50
C THR B 213 14.91 0.23 -23.73
N LYS B 214 14.51 1.29 -24.44
CA LYS B 214 15.22 1.74 -25.63
C LYS B 214 16.65 2.21 -25.31
N GLN B 215 16.83 2.95 -24.23
CA GLN B 215 18.16 3.42 -23.83
C GLN B 215 18.92 2.37 -22.98
N LYS B 216 18.22 1.30 -22.59
CA LYS B 216 18.77 0.24 -21.72
C LYS B 216 19.33 0.85 -20.46
N SER B 218 18.67 1.11 -16.44
CA SER B 218 17.98 0.41 -15.35
C SER B 218 17.15 1.42 -14.59
N VAL B 219 16.12 0.97 -13.90
CA VAL B 219 15.32 1.87 -13.09
C VAL B 219 16.24 2.51 -12.05
N HIS B 220 17.20 1.74 -11.55
CA HIS B 220 18.09 2.24 -10.52
C HIS B 220 19.00 3.38 -10.99
N LYS B 221 19.62 3.25 -12.16
CA LYS B 221 20.45 4.36 -12.66
C LYS B 221 19.56 5.55 -13.02
N PHE B 222 18.38 5.26 -13.53
CA PHE B 222 17.39 6.28 -13.85
C PHE B 222 17.07 7.14 -12.64
N LEU B 223 16.73 6.51 -11.53
CA LEU B 223 16.39 7.26 -10.33
C LEU B 223 17.61 7.92 -9.72
N THR B 224 18.79 7.39 -9.97
CA THR B 224 20.01 7.99 -9.45
C THR B 224 20.22 9.36 -10.13
N SER B 226 18.07 11.12 -11.80
CA SER B 226 16.97 11.99 -11.46
C SER B 226 17.25 12.71 -10.16
N SER B 227 17.74 11.98 -9.15
CA SER B 227 17.98 12.58 -7.83
C SER B 227 19.10 13.63 -7.80
N ILE B 228 20.21 13.37 -8.48
CA ILE B 228 21.30 14.35 -8.48
C ILE B 228 20.83 15.59 -9.25
N ILE B 229 19.93 15.39 -10.21
CA ILE B 229 19.35 16.51 -10.98
C ILE B 229 18.41 17.28 -10.06
N GLU B 230 17.58 16.55 -9.31
CA GLU B 230 16.61 17.17 -8.38
C GLU B 230 17.28 18.09 -7.35
N LYS B 231 18.27 17.58 -6.62
CA LYS B 231 18.93 18.39 -5.59
C LYS B 231 19.75 19.56 -6.13
N GLU B 232 20.06 19.58 -7.43
CA GLU B 232 20.85 20.69 -8.02
C GLU B 232 20.02 21.79 -8.69
N ALA B 233 18.72 21.63 -8.78
CA ALA B 233 17.89 22.61 -9.46
C ALA B 233 17.10 23.46 -8.50
N THR B 234 17.18 24.78 -8.70
CA THR B 234 16.32 25.68 -7.95
C THR B 234 14.97 25.50 -8.67
N GLU B 235 13.94 26.25 -8.30
CA GLU B 235 12.61 26.02 -8.90
C GLU B 235 12.62 26.04 -10.44
N ASN B 236 12.76 27.25 -10.99
CA ASN B 236 12.66 27.51 -12.44
C ASN B 236 13.84 27.09 -13.33
N VAL B 237 14.92 26.54 -12.76
CA VAL B 237 16.09 26.15 -13.58
C VAL B 237 15.74 25.07 -14.62
N ASP B 238 16.44 25.14 -15.75
CA ASP B 238 16.26 24.19 -16.84
C ASP B 238 17.04 22.92 -16.47
N ARG B 239 16.29 21.93 -16.00
CA ARG B 239 16.84 20.66 -15.57
C ARG B 239 17.40 19.82 -16.71
N LYS B 240 16.91 20.03 -17.92
CA LYS B 240 17.44 19.28 -19.05
C LYS B 240 18.88 19.70 -19.41
N ILE B 242 20.99 20.82 -16.89
CA ILE B 242 21.72 20.24 -15.78
C ILE B 242 22.02 18.78 -16.12
N ALA B 243 21.01 18.09 -16.63
CA ALA B 243 21.21 16.69 -17.00
C ALA B 243 22.28 16.55 -18.07
N SER B 244 22.30 17.43 -19.07
CA SER B 244 23.28 17.30 -20.14
C SER B 244 24.70 17.46 -19.63
N VAL B 245 24.90 18.35 -18.66
CA VAL B 245 26.22 18.53 -18.09
C VAL B 245 26.69 17.20 -17.52
N PHE B 246 25.85 16.60 -16.67
CA PHE B 246 26.22 15.36 -16.04
C PHE B 246 26.52 14.29 -17.07
N TYR B 247 25.66 14.11 -18.06
CA TYR B 247 25.95 13.10 -19.07
C TYR B 247 27.30 13.42 -19.77
N ASN B 248 27.51 14.70 -20.10
CA ASN B 248 28.74 15.10 -20.75
C ASN B 248 29.95 14.70 -19.92
N ARG B 249 29.89 15.00 -18.63
CA ARG B 249 31.01 14.65 -17.73
C ARG B 249 31.22 13.15 -17.68
N LEU B 250 30.10 12.45 -17.62
CA LEU B 250 30.10 11.01 -17.53
C LEU B 250 30.79 10.42 -18.77
N ALA B 251 30.41 10.90 -19.96
CA ALA B 251 30.99 10.41 -21.22
C ALA B 251 32.47 10.78 -21.39
N LYS B 252 32.89 11.83 -20.67
CA LYS B 252 34.24 12.38 -20.75
C LYS B 252 35.12 11.91 -19.56
N ASP B 253 34.60 10.99 -18.75
CA ASP B 253 35.25 10.47 -17.54
C ASP B 253 35.60 11.55 -16.50
N ARG B 255 34.59 13.45 -13.10
CA ARG B 255 33.75 13.18 -11.93
C ARG B 255 32.62 14.18 -11.88
N LEU B 256 31.46 13.79 -11.34
CA LEU B 256 30.29 14.69 -11.31
C LEU B 256 30.45 15.87 -10.33
N GLN B 257 31.21 15.68 -9.26
CA GLN B 257 31.48 16.74 -8.27
C GLN B 257 30.23 17.53 -7.88
N THR B 258 29.17 16.82 -7.50
CA THR B 258 27.92 17.46 -7.11
C THR B 258 27.79 17.41 -5.57
N ASP B 259 27.70 18.61 -4.95
CA ASP B 259 27.63 18.77 -3.48
C ASP B 259 26.58 17.96 -2.78
N PRO B 260 25.34 17.97 -3.30
CA PRO B 260 24.31 17.19 -2.65
C PRO B 260 24.71 15.74 -2.38
N THR B 261 25.55 15.16 -3.25
CA THR B 261 25.96 13.77 -3.04
C THR B 261 26.93 13.71 -1.86
N VAL B 262 27.73 14.76 -1.69
CA VAL B 262 28.64 14.83 -0.55
C VAL B 262 27.82 14.95 0.75
N LEU B 263 26.83 15.84 0.75
CA LEU B 263 25.99 16.01 1.93
C LEU B 263 25.25 14.72 2.26
N TYR B 264 24.75 14.03 1.24
CA TYR B 264 24.06 12.78 1.48
C TYR B 264 25.03 11.74 2.05
N ALA B 265 26.28 11.76 1.58
CA ALA B 265 27.32 10.87 2.08
C ALA B 265 27.47 11.02 3.59
N LEU B 266 27.43 12.27 4.07
CA LEU B 266 27.55 12.57 5.50
C LEU B 266 26.22 12.40 6.24
N GLY B 267 25.17 12.02 5.53
CA GLY B 267 23.85 11.87 6.14
C GLY B 267 23.54 13.12 6.92
N GLU B 268 23.68 14.26 6.26
CA GLU B 268 23.51 15.55 6.91
C GLU B 268 22.67 16.47 6.03
N HIS B 269 21.67 17.12 6.64
CA HIS B 269 20.78 18.05 5.94
C HIS B 269 21.15 19.50 6.27
N LYS B 270 22.22 19.95 5.62
CA LYS B 270 22.72 21.32 5.74
C LYS B 270 22.58 21.95 4.35
N SER B 271 23.01 23.20 4.21
CA SER B 271 22.92 23.90 2.93
C SER B 271 24.25 23.88 2.17
N LYS B 272 25.33 24.28 2.85
CA LYS B 272 26.66 24.35 2.24
C LYS B 272 27.64 23.28 2.74
N THR B 273 28.56 22.87 1.86
CA THR B 273 29.57 21.89 2.18
C THR B 273 30.90 22.58 2.43
N THR B 274 31.62 22.15 3.46
CA THR B 274 32.94 22.70 3.78
C THR B 274 33.98 21.90 2.99
N TYR B 275 35.24 22.30 3.11
CA TYR B 275 36.33 21.59 2.42
C TYR B 275 36.56 20.21 3.03
N LYS B 276 36.49 20.12 4.36
CA LYS B 276 36.67 18.85 5.05
C LYS B 276 35.61 17.83 4.63
N ASP B 277 34.42 18.33 4.27
CA ASP B 277 33.33 17.47 3.82
C ASP B 277 33.63 16.86 2.45
N LEU B 278 34.30 17.62 1.59
CA LEU B 278 34.65 17.17 0.24
C LEU B 278 35.64 16.00 0.27
N GLU B 279 36.29 15.78 1.40
CA GLU B 279 37.26 14.71 1.53
C GLU B 279 36.66 13.41 2.10
N VAL B 280 35.40 13.47 2.56
CA VAL B 280 34.73 12.30 3.16
C VAL B 280 34.85 11.00 2.35
N ASP B 281 35.26 9.93 3.02
CA ASP B 281 35.46 8.63 2.38
C ASP B 281 34.13 7.92 2.24
N SER B 282 33.60 7.90 1.01
CA SER B 282 32.31 7.26 0.73
C SER B 282 32.08 7.12 -0.76
N PRO B 283 31.56 5.96 -1.20
CA PRO B 283 31.29 5.78 -2.61
C PRO B 283 30.31 6.82 -3.15
N TYR B 284 29.51 7.43 -2.27
CA TYR B 284 28.57 8.48 -2.68
C TYR B 284 29.26 9.82 -3.01
N ASN B 285 30.49 10.00 -2.54
CA ASN B 285 31.25 11.22 -2.77
C ASN B 285 31.71 11.35 -4.24
N THR B 286 30.98 12.15 -5.01
CA THR B 286 31.28 12.32 -6.43
C THR B 286 32.46 13.24 -6.71
N TYR B 287 33.10 13.73 -5.65
CA TYR B 287 34.34 14.48 -5.79
C TYR B 287 35.53 13.50 -5.80
N LYS B 288 35.33 12.34 -5.17
CA LYS B 288 36.38 11.31 -5.06
C LYS B 288 36.17 10.05 -5.92
N ASN B 289 35.04 9.94 -6.59
CA ASN B 289 34.74 8.76 -7.39
C ASN B 289 34.14 9.13 -8.71
N ASN B 290 34.52 8.42 -9.77
CA ASN B 290 33.91 8.67 -11.07
C ASN B 290 32.56 7.96 -11.14
N GLY B 291 31.74 8.33 -12.12
CA GLY B 291 30.43 7.69 -12.31
C GLY B 291 29.35 8.28 -11.43
N LEU B 292 28.19 7.64 -11.46
CA LEU B 292 27.09 8.05 -10.60
C LEU B 292 27.34 7.41 -9.25
N PRO B 293 26.68 7.92 -8.21
CA PRO B 293 26.82 7.24 -6.91
C PRO B 293 26.12 5.87 -7.00
N PRO B 294 26.30 5.01 -5.98
CA PRO B 294 25.72 3.66 -5.97
C PRO B 294 24.19 3.60 -6.02
N GLY B 295 23.54 4.70 -5.69
CA GLY B 295 22.08 4.79 -5.72
C GLY B 295 21.66 6.25 -5.61
N PRO B 296 20.35 6.51 -5.67
CA PRO B 296 19.81 7.84 -5.56
C PRO B 296 20.09 8.45 -4.20
N ILE B 297 20.04 9.79 -4.12
CA ILE B 297 20.24 10.50 -2.86
C ILE B 297 18.94 11.16 -2.35
N SER B 298 17.84 10.89 -3.04
CA SER B 298 16.54 11.43 -2.67
C SER B 298 15.53 10.94 -3.69
N ASN B 299 14.26 11.32 -3.54
CA ASN B 299 13.24 11.01 -4.54
C ASN B 299 13.21 12.18 -5.55
N SER B 300 12.44 12.04 -6.62
CA SER B 300 12.42 13.04 -7.69
C SER B 300 11.05 13.31 -8.25
N GLY B 301 10.87 14.53 -8.75
CA GLY B 301 9.61 14.98 -9.38
C GLY B 301 9.67 14.62 -10.86
N ASP B 302 8.55 14.70 -11.55
CA ASP B 302 8.53 14.36 -12.98
C ASP B 302 9.50 15.20 -13.76
N SER B 303 9.61 16.46 -13.38
CA SER B 303 10.51 17.36 -14.05
C SER B 303 11.91 16.74 -14.15
N SER B 304 12.45 16.32 -13.02
CA SER B 304 13.78 15.71 -12.99
C SER B 304 13.83 14.40 -13.74
N GLU B 306 12.05 13.49 -16.39
CA GLU B 306 12.13 13.81 -17.82
C GLU B 306 13.54 14.23 -18.20
N ALA B 307 14.16 15.06 -17.36
CA ALA B 307 15.50 15.52 -17.62
C ALA B 307 16.49 14.36 -17.75
N ALA B 308 16.31 13.35 -16.91
CA ALA B 308 17.22 12.21 -16.92
C ALA B 308 17.12 11.42 -18.21
N LEU B 309 15.89 11.22 -18.70
CA LEU B 309 15.67 10.47 -19.93
C LEU B 309 15.79 11.29 -21.21
N TYR B 310 15.50 12.58 -21.12
CA TYR B 310 15.50 13.46 -22.28
C TYR B 310 16.33 14.71 -22.04
N PRO B 311 17.63 14.55 -21.91
CA PRO B 311 18.47 15.73 -21.70
C PRO B 311 18.68 16.50 -22.98
N GLU B 312 19.24 17.70 -22.87
CA GLU B 312 19.52 18.49 -24.05
C GLU B 312 20.93 18.16 -24.56
N LYS B 313 21.08 18.21 -25.89
CA LYS B 313 22.36 17.92 -26.52
C LYS B 313 23.15 19.21 -26.46
N SER B 314 24.22 19.25 -25.68
CA SER B 314 25.03 20.47 -25.57
C SER B 314 26.49 20.20 -25.19
N ASP B 315 27.30 21.26 -25.26
CA ASP B 315 28.72 21.21 -24.95
C ASP B 315 29.05 21.74 -23.55
N TYR B 316 28.05 21.89 -22.69
CA TYR B 316 28.30 22.43 -21.36
C TYR B 316 28.84 21.35 -20.41
N LEU B 317 29.85 21.71 -19.64
CA LEU B 317 30.49 20.80 -18.69
C LEU B 317 30.51 21.36 -17.26
N TYR B 318 30.07 22.61 -17.08
CA TYR B 318 30.03 23.24 -15.76
C TYR B 318 28.73 24.03 -15.56
N PHE B 319 28.34 24.24 -14.31
CA PHE B 319 27.17 25.05 -14.03
C PHE B 319 27.28 25.66 -12.66
N LEU B 320 26.73 26.86 -12.51
CA LEU B 320 26.75 27.56 -11.24
C LEU B 320 25.46 28.35 -11.06
N ALA B 321 24.84 28.21 -9.89
CA ALA B 321 23.63 28.92 -9.56
C ALA B 321 24.00 30.08 -8.65
N ASN B 322 23.50 31.28 -8.95
CA ASN B 322 23.78 32.44 -8.09
C ASN B 322 23.40 32.17 -6.65
N THR B 323 24.31 32.53 -5.75
CA THR B 323 24.07 32.42 -4.32
C THR B 323 23.17 33.61 -3.91
N LYS B 324 22.34 34.06 -4.86
CA LYS B 324 21.41 35.18 -4.66
C LYS B 324 20.09 34.97 -5.41
N THR B 325 20.14 34.95 -6.75
CA THR B 325 18.92 34.82 -7.57
C THR B 325 18.47 33.40 -7.91
N GLY B 326 19.40 32.43 -7.88
CA GLY B 326 19.05 31.04 -8.23
C GLY B 326 18.92 30.86 -9.74
N LYS B 327 19.59 31.75 -10.49
CA LYS B 327 19.60 31.72 -11.95
C LYS B 327 20.85 30.90 -12.30
N VAL B 328 20.66 29.81 -13.05
CA VAL B 328 21.76 28.91 -13.40
C VAL B 328 22.48 29.28 -14.68
N TYR B 329 23.80 29.45 -14.59
CA TYR B 329 24.65 29.79 -15.73
C TYR B 329 25.54 28.60 -16.14
N PHE B 330 25.36 28.13 -17.38
CA PHE B 330 26.11 27.00 -17.91
C PHE B 330 27.28 27.49 -18.76
N SER B 331 28.50 27.10 -18.39
CA SER B 331 29.68 27.49 -19.17
C SER B 331 30.37 26.26 -19.80
N LYS B 332 30.82 26.42 -21.05
CA LYS B 332 31.45 25.33 -21.80
C LYS B 332 32.82 24.91 -21.29
N THR B 333 33.61 25.86 -20.80
CA THR B 333 34.98 25.55 -20.34
C THR B 333 35.23 25.90 -18.88
N LEU B 334 36.38 25.44 -18.38
CA LEU B 334 36.76 25.64 -16.98
C LEU B 334 37.01 27.09 -16.62
N GLU B 335 37.62 27.83 -17.55
CA GLU B 335 37.92 29.24 -17.33
C GLU B 335 36.64 30.07 -17.26
N GLU B 336 35.75 29.89 -18.24
CA GLU B 336 34.48 30.61 -18.28
C GLU B 336 33.73 30.45 -16.94
N HIS B 337 33.75 29.23 -16.40
CA HIS B 337 33.11 28.92 -15.12
C HIS B 337 33.74 29.72 -13.97
N ASN B 338 35.06 29.57 -13.78
CA ASN B 338 35.78 30.28 -12.71
C ASN B 338 35.57 31.80 -12.73
N LYS B 339 35.46 32.36 -13.94
CA LYS B 339 35.28 33.80 -14.13
C LYS B 339 34.04 34.38 -13.42
N LEU B 340 33.02 33.55 -13.19
CA LEU B 340 31.77 34.03 -12.57
C LEU B 340 31.80 34.34 -11.05
N LYS B 341 32.99 34.41 -10.44
CA LYS B 341 33.10 34.71 -9.01
C LYS B 341 32.95 36.21 -8.73
#